data_4DFL
#
_entry.id   4DFL
#
_cell.length_a   40.028
_cell.length_b   85.004
_cell.length_c   90.748
_cell.angle_alpha   90.00
_cell.angle_beta   90.00
_cell.angle_gamma   90.00
#
_symmetry.space_group_name_H-M   'P 21 21 21'
#
loop_
_entity.id
_entity.type
_entity.pdbx_description
1 polymer 'Tyrosine-protein kinase SYK'
2 non-polymer 3-amino-6-{3-[(methylsulfonyl)amino]phenyl}-N-(piperidin-4-ylmethyl)pyrazine-2-carboxamide
3 non-polymer 1,2-ETHANEDIOL
4 non-polymer 'SULFATE ION'
5 water water
#
_entity_poly.entity_id   1
_entity_poly.type   'polypeptide(L)'
_entity_poly.pdbx_seq_one_letter_code
;VYLDRKLLTLEDKELGSGNFGTVKKGYYQMKKVVKTVAVKILKNEANDPALKDELLAEANVMQQLDNPYIVRMIGICEAE
SWMLVMEMAELGPLNKYLQQNRHVKDKNIIELVHQVSMGMKYLEESNFVHRDLAARNVLLVTQHYAKISDFGLSKALRAD
ENYYKAQTHGKWPVKWYAPECINYYKFSSKSDVWSFGVLMWEAFSYGQKPYRGMKGSEVTAMLEKGERMGCPAGCPREMY
DLMNLCWTYDVENRPGFAAVELRLRNYYYDVVNE
;
_entity_poly.pdbx_strand_id   A
#
loop_
_chem_comp.id
_chem_comp.type
_chem_comp.name
_chem_comp.formula
0K0 non-polymer 3-amino-6-{3-[(methylsulfonyl)amino]phenyl}-N-(piperidin-4-ylmethyl)pyrazine-2-carboxamide 'C18 H24 N6 O3 S'
EDO non-polymer 1,2-ETHANEDIOL 'C2 H6 O2'
SO4 non-polymer 'SULFATE ION' 'O4 S -2'
#
# COMPACT_ATOMS: atom_id res chain seq x y z
N VAL A 1 17.53 14.65 8.12
CA VAL A 1 16.35 14.84 7.21
C VAL A 1 16.85 15.25 5.83
N TYR A 2 17.59 16.37 5.80
CA TYR A 2 18.25 16.83 4.58
C TYR A 2 19.60 16.15 4.43
N LEU A 3 19.75 15.44 3.31
CA LEU A 3 20.95 14.63 3.09
C LEU A 3 22.01 15.41 2.33
N ASP A 4 23.21 14.84 2.32
CA ASP A 4 24.40 15.43 1.76
C ASP A 4 24.64 14.89 0.34
N ARG A 5 24.40 15.72 -0.67
CA ARG A 5 24.47 15.28 -2.08
C ARG A 5 25.78 14.57 -2.45
N LYS A 6 26.90 15.01 -1.88
CA LYS A 6 28.20 14.36 -2.10
C LYS A 6 28.18 12.87 -1.71
N LEU A 7 27.38 12.53 -0.69
CA LEU A 7 27.29 11.17 -0.18
C LEU A 7 26.30 10.28 -0.93
N LEU A 8 25.65 10.84 -1.94
CA LEU A 8 24.66 10.10 -2.73
C LEU A 8 25.23 9.80 -4.09
N THR A 9 25.18 8.53 -4.46
CA THR A 9 25.60 8.07 -5.77
C THR A 9 24.39 7.47 -6.49
N LEU A 10 23.96 8.12 -7.57
CA LEU A 10 22.83 7.65 -8.38
C LEU A 10 23.28 6.73 -9.50
N GLU A 11 22.45 5.75 -9.85
CA GLU A 11 22.71 4.86 -10.98
C GLU A 11 21.93 5.32 -12.21
N ASP A 12 22.50 5.08 -13.38
CA ASP A 12 21.89 5.50 -14.66
C ASP A 12 20.65 4.68 -15.00
N LYS A 13 20.73 3.37 -14.76
CA LYS A 13 19.58 2.48 -14.95
C LYS A 13 18.46 2.83 -13.96
N GLU A 14 17.42 3.50 -14.46
CA GLU A 14 16.26 3.84 -13.62
C GLU A 14 15.39 2.62 -13.35
N LEU A 15 14.77 2.59 -12.17
CA LEU A 15 13.90 1.48 -11.77
C LEU A 15 12.55 1.56 -12.47
N GLY A 16 12.06 2.77 -12.66
CA GLY A 16 10.77 3.00 -13.33
C GLY A 16 10.40 4.48 -13.40
N SER A 17 9.32 4.77 -14.11
CA SER A 17 8.89 6.16 -14.27
C SER A 17 7.38 6.29 -14.49
N GLY A 21 7.94 11.73 -13.40
CA GLY A 21 8.70 11.37 -12.21
C GLY A 21 9.33 9.98 -12.29
N THR A 22 10.60 9.89 -11.94
CA THR A 22 11.35 8.63 -11.98
C THR A 22 11.80 8.16 -10.59
N VAL A 23 12.07 6.88 -10.49
CA VAL A 23 12.70 6.28 -9.31
C VAL A 23 13.99 5.63 -9.79
N LYS A 24 15.09 5.96 -9.11
CA LYS A 24 16.40 5.45 -9.45
C LYS A 24 17.04 4.74 -8.28
N LYS A 25 17.84 3.73 -8.57
CA LYS A 25 18.63 3.03 -7.58
C LYS A 25 19.87 3.85 -7.24
N GLY A 26 20.29 3.80 -5.98
CA GLY A 26 21.47 4.54 -5.55
C GLY A 26 22.10 4.00 -4.28
N TYR A 27 23.12 4.73 -3.79
CA TYR A 27 23.88 4.34 -2.61
C TYR A 27 24.11 5.56 -1.74
N TYR A 28 23.81 5.43 -0.44
CA TYR A 28 24.08 6.50 0.51
C TYR A 28 25.17 6.08 1.46
N GLN A 29 26.24 6.87 1.49
CA GLN A 29 27.43 6.55 2.28
C GLN A 29 27.18 6.93 3.73
N MET A 30 27.06 5.91 4.58
CA MET A 30 26.79 6.10 6.00
C MET A 30 28.11 6.23 6.77
N VAL A 33 29.87 2.00 5.99
CA VAL A 33 29.06 1.24 5.02
C VAL A 33 28.38 2.13 4.01
N VAL A 34 27.89 1.53 2.95
CA VAL A 34 26.98 2.20 2.05
C VAL A 34 25.66 1.47 2.09
N LYS A 35 24.58 2.25 2.18
CA LYS A 35 23.25 1.68 2.18
C LYS A 35 22.69 1.85 0.78
N THR A 36 22.25 0.73 0.19
CA THR A 36 21.54 0.77 -1.08
C THR A 36 20.20 1.46 -0.87
N VAL A 37 19.87 2.42 -1.75
CA VAL A 37 18.65 3.22 -1.62
C VAL A 37 17.85 3.33 -2.93
N ALA A 38 16.55 3.57 -2.78
CA ALA A 38 15.69 3.92 -3.90
C ALA A 38 15.43 5.43 -3.83
N VAL A 39 15.55 6.12 -4.97
CA VAL A 39 15.47 7.58 -5.00
C VAL A 39 14.37 8.05 -5.95
N LYS A 40 13.33 8.65 -5.38
CA LYS A 40 12.27 9.27 -6.17
C LYS A 40 12.72 10.67 -6.56
N ILE A 41 12.84 10.90 -7.87
CA ILE A 41 13.33 12.18 -8.41
C ILE A 41 12.19 12.96 -9.08
N LEU A 42 12.05 14.23 -8.73
CA LEU A 42 10.95 15.06 -9.25
C LEU A 42 11.20 15.51 -10.68
N PRO A 49 6.14 23.80 -8.35
CA PRO A 49 5.83 24.15 -6.97
C PRO A 49 4.99 23.09 -6.26
N ALA A 50 3.83 22.77 -6.83
CA ALA A 50 2.90 21.81 -6.23
C ALA A 50 3.51 20.41 -6.09
N LEU A 51 4.24 19.96 -7.12
CA LEU A 51 4.88 18.65 -7.10
C LEU A 51 6.01 18.60 -6.08
N LYS A 52 6.66 19.75 -5.85
CA LYS A 52 7.65 19.90 -4.79
C LYS A 52 6.98 19.90 -3.41
N ASP A 53 5.81 20.55 -3.31
CA ASP A 53 5.04 20.55 -2.05
C ASP A 53 4.59 19.15 -1.68
N GLU A 54 4.10 18.40 -2.67
CA GLU A 54 3.69 17.00 -2.47
C GLU A 54 4.81 16.13 -1.91
N LEU A 55 6.02 16.31 -2.44
CA LEU A 55 7.18 15.51 -2.02
C LEU A 55 7.51 15.77 -0.55
N LEU A 56 7.55 17.04 -0.17
CA LEU A 56 7.82 17.43 1.22
C LEU A 56 6.75 16.93 2.18
N ALA A 57 5.48 17.06 1.77
CA ALA A 57 4.38 16.51 2.55
C ALA A 57 4.57 15.00 2.75
N GLU A 58 4.88 14.30 1.66
CA GLU A 58 5.14 12.86 1.69
C GLU A 58 6.29 12.49 2.64
N ALA A 59 7.38 13.24 2.54
CA ALA A 59 8.52 13.11 3.43
C ALA A 59 8.13 13.37 4.89
N ASN A 60 7.36 14.44 5.12
CA ASN A 60 6.83 14.73 6.46
C ASN A 60 6.03 13.55 7.05
N VAL A 61 5.24 12.87 6.22
CA VAL A 61 4.50 11.68 6.67
C VAL A 61 5.46 10.54 7.05
N MET A 62 6.34 10.17 6.13
CA MET A 62 7.25 9.04 6.34
C MET A 62 8.14 9.25 7.56
N GLN A 63 8.53 10.50 7.78
CA GLN A 63 9.36 10.89 8.92
C GLN A 63 8.78 10.50 10.28
N GLN A 64 7.45 10.42 10.36
CA GLN A 64 6.76 10.13 11.61
C GLN A 64 6.48 8.65 11.82
N LEU A 65 6.79 7.81 10.82
CA LEU A 65 6.44 6.40 10.85
C LEU A 65 7.63 5.50 11.07
N ASP A 66 7.50 4.56 12.01
CA ASP A 66 8.57 3.66 12.39
C ASP A 66 7.99 2.26 12.60
N ASN A 67 8.12 1.41 11.58
CA ASN A 67 7.56 0.07 11.63
C ASN A 67 8.28 -0.81 10.58
N PRO A 68 8.48 -2.10 10.87
CA PRO A 68 9.23 -2.94 9.91
C PRO A 68 8.55 -3.18 8.55
N TYR A 69 7.24 -2.99 8.49
CA TYR A 69 6.44 -3.29 7.29
C TYR A 69 6.02 -2.05 6.52
N ILE A 70 6.70 -0.95 6.77
CA ILE A 70 6.53 0.26 5.99
C ILE A 70 7.90 0.66 5.46
N VAL A 71 7.94 1.19 4.24
CA VAL A 71 9.19 1.67 3.66
C VAL A 71 9.69 2.90 4.43
N ARG A 72 10.93 2.84 4.91
CA ARG A 72 11.51 3.95 5.67
C ARG A 72 12.12 5.01 4.74
N MET A 73 11.93 6.28 5.08
CA MET A 73 12.62 7.39 4.42
C MET A 73 14.03 7.55 4.99
N ILE A 74 15.03 7.73 4.12
CA ILE A 74 16.37 8.09 4.58
C ILE A 74 16.45 9.61 4.73
N GLY A 75 15.89 10.35 3.76
CA GLY A 75 15.89 11.81 3.82
C GLY A 75 15.62 12.47 2.49
N ILE A 76 15.81 13.79 2.45
CA ILE A 76 15.61 14.61 1.25
C ILE A 76 16.93 15.19 0.79
N CYS A 77 16.99 15.57 -0.49
CA CYS A 77 18.17 16.17 -1.07
C CYS A 77 17.74 17.08 -2.24
N GLU A 78 18.11 18.36 -2.19
CA GLU A 78 17.82 19.29 -3.28
C GLU A 78 19.08 19.59 -4.10
N ALA A 79 19.16 19.02 -5.30
CA ALA A 79 20.26 19.28 -6.21
C ALA A 79 19.72 19.56 -7.63
N GLU A 80 19.99 18.70 -8.60
CA GLU A 80 19.46 18.90 -9.96
C GLU A 80 17.94 18.94 -9.91
N SER A 81 17.37 17.96 -9.22
CA SER A 81 15.95 17.94 -8.89
C SER A 81 15.79 17.68 -7.40
N TRP A 82 14.56 17.77 -6.91
CA TRP A 82 14.24 17.38 -5.53
C TRP A 82 14.19 15.87 -5.48
N MET A 83 14.86 15.28 -4.49
CA MET A 83 14.98 13.83 -4.37
C MET A 83 14.50 13.32 -3.00
N LEU A 84 13.72 12.25 -3.01
CA LEU A 84 13.30 11.61 -1.78
C LEU A 84 13.99 10.25 -1.71
N VAL A 85 14.89 10.12 -0.74
CA VAL A 85 15.74 8.94 -0.63
C VAL A 85 15.14 7.99 0.40
N MET A 86 14.86 6.76 -0.06
CA MET A 86 14.20 5.74 0.75
C MET A 86 15.00 4.43 0.72
N GLU A 87 14.74 3.57 1.70
CA GLU A 87 15.32 2.24 1.72
C GLU A 87 14.86 1.46 0.50
N MET A 88 15.69 0.55 0.04
CA MET A 88 15.44 -0.19 -1.20
C MET A 88 14.76 -1.51 -0.90
N ALA A 89 13.67 -1.78 -1.62
CA ALA A 89 13.01 -3.08 -1.59
C ALA A 89 13.32 -3.70 -2.94
N GLU A 90 14.38 -4.52 -2.94
CA GLU A 90 15.04 -5.00 -4.15
C GLU A 90 14.17 -5.82 -5.11
N LEU A 91 13.21 -6.59 -4.59
CA LEU A 91 12.37 -7.44 -5.44
C LEU A 91 11.22 -6.69 -6.08
N GLY A 92 10.96 -5.46 -5.64
CA GLY A 92 10.01 -4.59 -6.33
C GLY A 92 8.55 -4.81 -5.98
N PRO A 93 7.63 -4.25 -6.80
CA PRO A 93 6.20 -4.34 -6.53
C PRO A 93 5.65 -5.77 -6.49
N LEU A 94 4.81 -6.00 -5.49
CA LEU A 94 4.16 -7.27 -5.27
C LEU A 94 3.36 -7.78 -6.47
N ASN A 95 2.65 -6.89 -7.14
CA ASN A 95 1.81 -7.31 -8.28
C ASN A 95 2.66 -7.87 -9.42
N LYS A 96 3.72 -7.16 -9.77
CA LYS A 96 4.62 -7.60 -10.84
C LYS A 96 5.38 -8.85 -10.43
N TYR A 97 5.73 -8.95 -9.15
CA TYR A 97 6.45 -10.12 -8.65
C TYR A 97 5.62 -11.39 -8.85
N LEU A 98 4.37 -11.34 -8.40
CA LEU A 98 3.46 -12.48 -8.52
C LEU A 98 3.08 -12.81 -9.97
N GLN A 99 2.99 -11.80 -10.84
CA GLN A 99 2.80 -12.03 -12.29
C GLN A 99 3.97 -12.87 -12.88
N GLN A 100 5.17 -12.59 -12.40
CA GLN A 100 6.39 -13.23 -12.89
C GLN A 100 6.75 -14.51 -12.14
N ASN A 101 6.07 -14.76 -11.02
CA ASN A 101 6.37 -15.92 -10.18
C ASN A 101 5.08 -16.60 -9.76
N ARG A 102 4.45 -17.27 -10.72
CA ARG A 102 3.11 -17.85 -10.54
C ARG A 102 3.04 -19.09 -9.65
N HIS A 103 4.19 -19.62 -9.24
CA HIS A 103 4.26 -20.80 -8.38
C HIS A 103 4.53 -20.47 -6.92
N VAL A 104 4.52 -19.18 -6.58
CA VAL A 104 4.58 -18.76 -5.20
C VAL A 104 3.43 -19.47 -4.47
N LYS A 105 3.72 -20.08 -3.33
CA LYS A 105 2.73 -20.89 -2.64
C LYS A 105 1.75 -20.02 -1.86
N ASP A 106 0.56 -20.59 -1.64
CA ASP A 106 -0.51 -19.92 -0.92
C ASP A 106 -0.09 -19.47 0.49
N LYS A 107 0.62 -20.36 1.20
CA LYS A 107 1.15 -20.05 2.54
C LYS A 107 1.98 -18.76 2.49
N ASN A 108 2.82 -18.65 1.46
CA ASN A 108 3.69 -17.48 1.24
C ASN A 108 2.87 -16.21 0.92
N ILE A 109 1.77 -16.35 0.18
CA ILE A 109 0.89 -15.22 -0.08
C ILE A 109 0.24 -14.71 1.22
N ILE A 110 -0.27 -15.63 2.03
CA ILE A 110 -0.86 -15.30 3.33
C ILE A 110 0.17 -14.56 4.22
N GLU A 111 1.39 -15.08 4.28
CA GLU A 111 2.50 -14.44 5.02
C GLU A 111 2.69 -12.99 4.61
N LEU A 112 2.74 -12.74 3.30
CA LEU A 112 2.93 -11.39 2.79
C LEU A 112 1.74 -10.48 3.08
N VAL A 113 0.52 -10.96 2.84
CA VAL A 113 -0.65 -10.11 3.07
C VAL A 113 -0.81 -9.84 4.57
N HIS A 114 -0.48 -10.82 5.41
CA HIS A 114 -0.47 -10.59 6.86
C HIS A 114 0.53 -9.48 7.24
N GLN A 115 1.73 -9.53 6.67
CA GLN A 115 2.71 -8.49 6.92
C GLN A 115 2.15 -7.10 6.58
N VAL A 116 1.46 -7.01 5.45
CA VAL A 116 0.81 -5.74 5.07
C VAL A 116 -0.25 -5.31 6.12
N SER A 117 -1.02 -6.25 6.62
CA SER A 117 -2.00 -5.97 7.69
C SER A 117 -1.33 -5.51 8.99
N MET A 118 -0.15 -6.02 9.31
CA MET A 118 0.59 -5.56 10.48
C MET A 118 1.07 -4.11 10.28
N GLY A 119 1.57 -3.80 9.10
CA GLY A 119 1.92 -2.41 8.74
C GLY A 119 0.74 -1.46 8.79
N MET A 120 -0.42 -1.93 8.32
CA MET A 120 -1.64 -1.12 8.33
C MET A 120 -2.27 -1.00 9.72
N LYS A 121 -2.16 -2.03 10.56
CA LYS A 121 -2.57 -1.92 11.96
C LYS A 121 -1.77 -0.81 12.67
N TYR A 122 -0.48 -0.73 12.36
CA TYR A 122 0.39 0.33 12.91
C TYR A 122 0.01 1.70 12.40
N LEU A 123 -0.31 1.81 11.13
CA LEU A 123 -0.71 3.08 10.52
C LEU A 123 -2.02 3.58 11.13
N GLU A 124 -2.95 2.65 11.33
CA GLU A 124 -4.23 2.89 12.01
C GLU A 124 -4.04 3.34 13.46
N GLU A 125 -3.20 2.62 14.20
CA GLU A 125 -2.84 3.00 15.56
C GLU A 125 -2.21 4.40 15.58
N SER A 126 -1.45 4.71 14.54
CA SER A 126 -0.82 6.02 14.39
C SER A 126 -1.76 7.13 13.87
N ASN A 127 -3.00 6.77 13.53
CA ASN A 127 -3.99 7.71 12.97
C ASN A 127 -3.54 8.40 11.68
N PHE A 128 -2.97 7.59 10.78
CA PHE A 128 -2.63 8.02 9.43
C PHE A 128 -3.49 7.20 8.49
N VAL A 129 -3.98 7.85 7.44
CA VAL A 129 -4.65 7.14 6.36
C VAL A 129 -3.75 7.09 5.13
N HIS A 130 -3.66 5.93 4.50
CA HIS A 130 -2.76 5.71 3.36
C HIS A 130 -3.30 6.26 2.03
N ARG A 131 -4.49 5.80 1.67
CA ARG A 131 -5.27 6.33 0.55
C ARG A 131 -4.76 5.89 -0.83
N ASP A 132 -3.83 4.95 -0.85
CA ASP A 132 -3.39 4.38 -2.14
C ASP A 132 -2.89 2.97 -1.91
N LEU A 133 -3.64 2.20 -1.14
CA LEU A 133 -3.20 0.87 -0.73
C LEU A 133 -3.61 -0.13 -1.81
N ALA A 134 -2.64 -0.54 -2.61
CA ALA A 134 -2.86 -1.45 -3.72
C ALA A 134 -1.64 -2.33 -3.84
N ALA A 135 -1.77 -3.47 -4.51
CA ALA A 135 -0.64 -4.41 -4.62
C ALA A 135 0.59 -3.77 -5.27
N ARG A 136 0.35 -2.82 -6.18
CA ARG A 136 1.44 -2.14 -6.89
C ARG A 136 2.29 -1.28 -5.94
N ASN A 137 1.73 -0.96 -4.78
CA ASN A 137 2.42 -0.16 -3.77
C ASN A 137 2.95 -0.97 -2.59
N VAL A 138 2.84 -2.29 -2.64
CA VAL A 138 3.51 -3.16 -1.68
C VAL A 138 4.79 -3.60 -2.38
N LEU A 139 5.92 -3.37 -1.71
CA LEU A 139 7.24 -3.71 -2.24
C LEU A 139 7.87 -4.86 -1.46
N LEU A 140 8.61 -5.71 -2.16
CA LEU A 140 9.24 -6.91 -1.56
C LEU A 140 10.72 -6.68 -1.31
N VAL A 141 11.12 -6.82 -0.05
CA VAL A 141 12.54 -6.84 0.33
C VAL A 141 13.07 -8.25 0.05
N THR A 142 12.29 -9.25 0.43
CA THR A 142 12.54 -10.64 0.01
C THR A 142 11.22 -11.28 -0.35
N GLN A 143 11.28 -12.54 -0.79
CA GLN A 143 10.07 -13.29 -1.12
C GLN A 143 9.19 -13.50 0.11
N HIS A 144 9.78 -13.36 1.30
CA HIS A 144 9.06 -13.49 2.56
C HIS A 144 9.05 -12.21 3.41
N TYR A 145 9.20 -11.04 2.78
CA TYR A 145 9.21 -9.78 3.52
C TYR A 145 8.68 -8.60 2.69
N ALA A 146 7.42 -8.20 2.98
CA ALA A 146 6.77 -7.09 2.29
C ALA A 146 6.76 -5.79 3.12
N LYS A 147 6.88 -4.67 2.42
CA LYS A 147 6.71 -3.32 2.98
C LYS A 147 5.71 -2.51 2.15
N ILE A 148 4.94 -1.71 2.86
CA ILE A 148 4.02 -0.71 2.28
C ILE A 148 4.80 0.53 1.86
N SER A 149 4.63 0.93 0.60
CA SER A 149 5.26 2.10 0.06
C SER A 149 4.21 3.13 -0.39
N ASP A 150 4.71 4.22 -0.96
CA ASP A 150 3.92 5.23 -1.67
C ASP A 150 2.95 6.03 -0.78
N PHE A 151 3.48 6.97 -0.02
CA PHE A 151 2.69 7.77 0.93
C PHE A 151 2.28 9.13 0.36
N GLY A 152 2.22 9.21 -0.97
CA GLY A 152 1.97 10.49 -1.67
C GLY A 152 0.56 11.05 -1.45
N LEU A 153 -0.40 10.16 -1.21
CA LEU A 153 -1.78 10.56 -0.90
C LEU A 153 -2.11 10.49 0.61
N SER A 154 -1.15 10.11 1.43
CA SER A 154 -1.43 9.82 2.84
C SER A 154 -1.68 11.11 3.64
N LYS A 155 -2.46 10.98 4.70
CA LYS A 155 -2.79 12.13 5.54
C LYS A 155 -2.71 11.74 7.01
N ALA A 156 -2.14 12.62 7.83
CA ALA A 156 -2.23 12.49 9.27
C ALA A 156 -3.59 13.03 9.69
N LEU A 157 -4.41 12.18 10.31
CA LEU A 157 -5.73 12.60 10.78
C LEU A 157 -5.65 13.62 11.91
N ARG A 158 -6.55 14.59 11.87
CA ARG A 158 -6.65 15.56 12.92
C ARG A 158 -7.02 14.84 14.21
N ALA A 159 -6.56 15.41 15.32
CA ALA A 159 -6.79 14.84 16.64
C ALA A 159 -8.27 14.63 16.93
N ASP A 160 -9.13 15.49 16.35
CA ASP A 160 -10.57 15.49 16.63
C ASP A 160 -11.42 14.78 15.58
N GLU A 161 -10.81 14.21 14.55
CA GLU A 161 -11.56 13.57 13.46
C GLU A 161 -11.08 12.17 13.15
N ASN A 162 -12.02 11.35 12.70
CA ASN A 162 -11.82 9.92 12.40
C ASN A 162 -11.53 9.72 10.92
N TYR A 163 -11.70 10.78 10.14
CA TYR A 163 -11.54 10.72 8.72
C TYR A 163 -10.88 11.98 8.17
N TYR A 164 -10.40 11.88 6.94
CA TYR A 164 -9.94 13.01 6.16
C TYR A 164 -10.96 13.25 5.06
N LYS A 165 -11.40 14.50 4.94
CA LYS A 165 -12.34 14.91 3.91
C LYS A 165 -11.60 15.54 2.73
N ALA A 166 -11.58 14.86 1.59
CA ALA A 166 -10.99 15.45 0.38
C ALA A 166 -11.87 16.59 -0.14
N GLN A 167 -11.28 17.48 -0.92
CA GLN A 167 -12.03 18.60 -1.46
C GLN A 167 -12.47 18.38 -2.92
N THR A 168 -11.55 17.90 -3.77
CA THR A 168 -11.69 18.04 -5.22
C THR A 168 -11.98 16.76 -6.04
N HIS A 169 -11.50 15.60 -5.56
CA HIS A 169 -11.44 14.37 -6.37
C HIS A 169 -10.42 14.55 -7.47
N GLY A 170 -9.24 13.94 -7.30
CA GLY A 170 -8.14 14.17 -8.22
C GLY A 170 -7.21 12.97 -8.39
N LYS A 171 -7.24 12.37 -9.57
CA LYS A 171 -6.38 11.23 -9.88
C LYS A 171 -6.49 10.17 -8.79
N TRP A 172 -7.64 9.49 -8.75
CA TRP A 172 -7.96 8.53 -7.69
C TRP A 172 -8.03 7.08 -8.22
N PRO A 173 -7.39 6.15 -7.49
CA PRO A 173 -7.48 4.72 -7.84
C PRO A 173 -8.83 4.13 -7.40
N VAL A 174 -9.88 4.49 -8.14
CA VAL A 174 -11.30 4.19 -7.79
C VAL A 174 -11.60 2.73 -7.48
N LYS A 175 -10.98 1.83 -8.22
CA LYS A 175 -11.23 0.38 -8.05
C LYS A 175 -10.74 -0.10 -6.69
N TRP A 176 -9.92 0.73 -6.00
CA TRP A 176 -9.43 0.41 -4.65
C TRP A 176 -10.16 1.14 -3.52
N TYR A 177 -11.05 2.06 -3.89
CA TYR A 177 -11.70 2.95 -2.96
C TYR A 177 -13.09 2.48 -2.50
N ALA A 178 -13.33 2.68 -1.21
CA ALA A 178 -14.59 2.33 -0.54
C ALA A 178 -15.73 3.25 -1.00
N PRO A 179 -16.98 2.77 -0.87
CA PRO A 179 -18.16 3.58 -1.19
C PRO A 179 -18.16 4.98 -0.54
N GLU A 180 -17.80 5.06 0.74
CA GLU A 180 -17.80 6.36 1.42
C GLU A 180 -16.77 7.32 0.82
N CYS A 181 -15.69 6.78 0.25
CA CYS A 181 -14.69 7.59 -0.44
C CYS A 181 -15.29 8.17 -1.72
N ILE A 182 -15.96 7.31 -2.48
CA ILE A 182 -16.54 7.74 -3.75
C ILE A 182 -17.74 8.67 -3.52
N ASN A 183 -18.57 8.36 -2.53
CA ASN A 183 -19.84 9.08 -2.35
C ASN A 183 -19.77 10.31 -1.47
N TYR A 184 -18.88 10.29 -0.47
CA TYR A 184 -18.77 11.40 0.50
C TYR A 184 -17.37 12.01 0.60
N TYR A 185 -16.42 11.53 -0.20
CA TYR A 185 -15.03 12.01 -0.17
C TYR A 185 -14.37 11.89 1.22
N LYS A 186 -14.79 10.87 1.97
CA LYS A 186 -14.36 10.65 3.34
C LYS A 186 -13.40 9.44 3.41
N PHE A 187 -12.20 9.64 3.96
CA PHE A 187 -11.18 8.60 4.04
C PHE A 187 -10.74 8.37 5.47
N SER A 188 -10.89 7.12 5.91
CA SER A 188 -10.59 6.70 7.27
C SER A 188 -9.73 5.44 7.20
N SER A 189 -9.31 4.94 8.34
CA SER A 189 -8.58 3.68 8.35
C SER A 189 -9.49 2.56 7.81
N LYS A 190 -10.81 2.64 8.06
CA LYS A 190 -11.72 1.62 7.52
C LYS A 190 -11.82 1.65 5.99
N SER A 191 -11.68 2.84 5.40
CA SER A 191 -11.56 2.94 3.95
C SER A 191 -10.30 2.21 3.45
N ASP A 192 -9.19 2.38 4.17
CA ASP A 192 -7.97 1.63 3.83
C ASP A 192 -8.22 0.12 3.92
N VAL A 193 -9.05 -0.31 4.89
CA VAL A 193 -9.41 -1.74 5.00
C VAL A 193 -10.09 -2.26 3.72
N TRP A 194 -10.99 -1.46 3.18
CA TRP A 194 -11.63 -1.78 1.92
C TRP A 194 -10.56 -2.01 0.85
N SER A 195 -9.64 -1.06 0.74
CA SER A 195 -8.51 -1.14 -0.19
C SER A 195 -7.68 -2.39 0.02
N PHE A 196 -7.43 -2.72 1.29
CA PHE A 196 -6.72 -3.93 1.68
C PHE A 196 -7.40 -5.23 1.15
N GLY A 197 -8.74 -5.26 1.13
CA GLY A 197 -9.47 -6.40 0.57
C GLY A 197 -9.19 -6.58 -0.91
N VAL A 198 -9.16 -5.46 -1.64
CA VAL A 198 -8.83 -5.46 -3.07
C VAL A 198 -7.38 -5.92 -3.29
N LEU A 199 -6.49 -5.41 -2.46
CA LEU A 199 -5.10 -5.86 -2.43
C LEU A 199 -4.96 -7.37 -2.20
N MET A 200 -5.71 -7.91 -1.25
CA MET A 200 -5.75 -9.34 -1.00
C MET A 200 -6.19 -10.09 -2.23
N TRP A 201 -7.25 -9.61 -2.86
CA TRP A 201 -7.75 -10.23 -4.10
C TRP A 201 -6.66 -10.22 -5.18
N GLU A 202 -5.99 -9.08 -5.33
CA GLU A 202 -4.88 -8.99 -6.28
C GLU A 202 -3.80 -10.03 -6.00
N ALA A 203 -3.45 -10.14 -4.72
CA ALA A 203 -2.38 -11.02 -4.29
C ALA A 203 -2.69 -12.49 -4.58
N PHE A 204 -3.89 -12.92 -4.21
CA PHE A 204 -4.31 -14.29 -4.49
C PHE A 204 -4.67 -14.53 -5.96
N SER A 205 -4.77 -13.45 -6.74
CA SER A 205 -4.96 -13.53 -8.20
C SER A 205 -3.64 -13.39 -8.94
N TYR A 206 -2.54 -13.51 -8.19
CA TYR A 206 -1.19 -13.40 -8.71
C TYR A 206 -0.97 -12.13 -9.53
N GLY A 207 -1.39 -11.02 -8.95
CA GLY A 207 -1.10 -9.69 -9.52
C GLY A 207 -2.00 -9.29 -10.66
N GLN A 208 -3.15 -9.94 -10.81
CA GLN A 208 -4.12 -9.53 -11.84
C GLN A 208 -4.86 -8.26 -11.39
N LYS A 209 -5.28 -7.46 -12.35
CA LYS A 209 -5.96 -6.20 -12.08
C LYS A 209 -7.39 -6.50 -11.62
N PRO A 210 -7.87 -5.78 -10.61
CA PRO A 210 -9.24 -6.04 -10.16
C PRO A 210 -10.26 -5.45 -11.10
N TYR A 211 -11.48 -5.99 -11.05
CA TYR A 211 -12.60 -5.53 -11.86
C TYR A 211 -12.23 -5.37 -13.33
N ARG A 212 -11.64 -6.40 -13.92
CA ARG A 212 -11.06 -6.22 -15.24
C ARG A 212 -12.10 -5.87 -16.28
N GLY A 213 -11.71 -4.98 -17.18
CA GLY A 213 -12.57 -4.56 -18.29
C GLY A 213 -13.71 -3.63 -17.92
N MET A 214 -13.71 -3.10 -16.71
CA MET A 214 -14.83 -2.33 -16.21
C MET A 214 -14.45 -0.88 -15.94
N LYS A 215 -15.35 0.04 -16.29
CA LYS A 215 -15.18 1.44 -15.93
C LYS A 215 -15.42 1.63 -14.44
N GLY A 216 -14.78 2.65 -13.86
CA GLY A 216 -14.94 2.98 -12.44
C GLY A 216 -16.41 3.10 -12.08
N SER A 217 -17.17 3.72 -12.97
CA SER A 217 -18.62 3.91 -12.78
C SER A 217 -19.36 2.57 -12.72
N GLU A 218 -18.98 1.64 -13.58
CA GLU A 218 -19.55 0.28 -13.57
C GLU A 218 -19.16 -0.52 -12.31
N VAL A 219 -18.00 -0.22 -11.73
CA VAL A 219 -17.62 -0.81 -10.44
C VAL A 219 -18.52 -0.29 -9.33
N THR A 220 -18.73 1.03 -9.29
CA THR A 220 -19.64 1.60 -8.31
C THR A 220 -21.02 0.98 -8.41
N ALA A 221 -21.53 0.85 -9.63
CA ALA A 221 -22.83 0.24 -9.84
C ALA A 221 -22.89 -1.22 -9.36
N MET A 222 -21.87 -1.98 -9.71
CA MET A 222 -21.73 -3.38 -9.27
C MET A 222 -21.82 -3.51 -7.74
N LEU A 223 -21.04 -2.69 -7.06
CA LEU A 223 -20.93 -2.75 -5.59
C LEU A 223 -22.24 -2.33 -4.95
N GLU A 224 -22.87 -1.30 -5.52
CA GLU A 224 -24.16 -0.85 -5.08
C GLU A 224 -25.22 -1.98 -5.15
N LYS A 225 -25.09 -2.88 -6.13
CA LYS A 225 -25.96 -4.08 -6.23
C LYS A 225 -25.62 -5.19 -5.21
N GLY A 226 -24.62 -4.96 -4.36
CA GLY A 226 -24.15 -5.95 -3.41
C GLY A 226 -23.19 -6.97 -4.01
N GLU A 227 -22.86 -6.81 -5.29
CA GLU A 227 -21.98 -7.74 -5.99
C GLU A 227 -20.53 -7.48 -5.62
N ARG A 228 -19.76 -8.57 -5.53
CA ARG A 228 -18.34 -8.52 -5.21
C ARG A 228 -17.56 -9.47 -6.11
N MET A 229 -16.27 -9.17 -6.30
CA MET A 229 -15.39 -10.04 -7.09
C MET A 229 -15.41 -11.46 -6.52
N GLY A 230 -15.28 -12.44 -7.41
CA GLY A 230 -15.28 -13.86 -7.02
C GLY A 230 -13.97 -14.32 -6.39
N CYS A 231 -14.02 -15.47 -5.74
CA CYS A 231 -12.84 -16.12 -5.14
C CYS A 231 -11.80 -16.44 -6.21
N PRO A 232 -10.56 -15.91 -6.07
CA PRO A 232 -9.51 -16.36 -7.01
C PRO A 232 -9.26 -17.87 -6.96
N ALA A 233 -8.98 -18.48 -8.09
CA ALA A 233 -8.59 -19.89 -8.16
C ALA A 233 -7.51 -20.21 -7.13
N GLY A 234 -7.73 -21.25 -6.33
CA GLY A 234 -6.77 -21.68 -5.34
C GLY A 234 -6.77 -20.86 -4.07
N CYS A 235 -7.55 -19.77 -4.03
CA CYS A 235 -7.62 -18.96 -2.82
C CYS A 235 -8.44 -19.69 -1.77
N PRO A 236 -7.90 -19.88 -0.55
CA PRO A 236 -8.69 -20.56 0.48
C PRO A 236 -9.91 -19.78 0.91
N ARG A 237 -11.01 -20.50 1.10
CA ARG A 237 -12.29 -19.93 1.54
C ARG A 237 -12.16 -18.87 2.64
N GLU A 238 -11.29 -19.14 3.63
CA GLU A 238 -11.14 -18.25 4.78
C GLU A 238 -10.55 -16.88 4.43
N MET A 239 -9.66 -16.86 3.44
CA MET A 239 -9.11 -15.62 2.92
C MET A 239 -10.14 -14.89 2.02
N TYR A 240 -10.95 -15.64 1.29
CA TYR A 240 -12.02 -15.01 0.51
C TYR A 240 -13.10 -14.42 1.41
N ASP A 241 -13.43 -15.11 2.50
CA ASP A 241 -14.36 -14.58 3.49
C ASP A 241 -13.83 -13.25 4.06
N LEU A 242 -12.54 -13.25 4.40
CA LEU A 242 -11.90 -12.04 4.92
C LEU A 242 -11.95 -10.88 3.93
N MET A 243 -11.62 -11.16 2.65
CA MET A 243 -11.83 -10.19 1.56
C MET A 243 -13.21 -9.55 1.61
N ASN A 244 -14.24 -10.39 1.64
CA ASN A 244 -15.61 -9.91 1.69
C ASN A 244 -15.94 -9.10 2.95
N LEU A 245 -15.37 -9.47 4.08
CA LEU A 245 -15.53 -8.68 5.30
C LEU A 245 -14.93 -7.28 5.13
N CYS A 246 -13.75 -7.20 4.50
CA CYS A 246 -13.13 -5.89 4.19
C CYS A 246 -14.01 -5.06 3.26
N TRP A 247 -14.76 -5.73 2.37
CA TRP A 247 -15.70 -5.05 1.46
C TRP A 247 -17.11 -4.92 2.05
N THR A 248 -17.21 -4.71 3.36
CA THR A 248 -18.50 -4.44 3.97
C THR A 248 -18.87 -3.01 3.54
N TYR A 249 -20.05 -2.85 2.96
CA TYR A 249 -20.47 -1.56 2.38
C TYR A 249 -20.51 -0.45 3.43
N ASP A 250 -21.16 -0.74 4.55
CA ASP A 250 -21.31 0.21 5.66
C ASP A 250 -20.04 0.30 6.50
N VAL A 251 -19.42 1.47 6.48
CA VAL A 251 -18.14 1.69 7.13
C VAL A 251 -18.18 1.36 8.62
N GLU A 252 -19.30 1.64 9.27
CA GLU A 252 -19.48 1.37 10.70
C GLU A 252 -19.38 -0.11 11.06
N ASN A 253 -19.88 -0.98 10.18
CA ASN A 253 -19.81 -2.44 10.38
C ASN A 253 -18.63 -3.16 9.71
N ARG A 254 -17.83 -2.42 8.96
CA ARG A 254 -16.60 -2.95 8.39
C ARG A 254 -15.54 -3.07 9.50
N PRO A 255 -14.76 -4.16 9.51
CA PRO A 255 -13.76 -4.29 10.56
C PRO A 255 -12.62 -3.29 10.43
N GLY A 256 -11.90 -3.04 11.52
CA GLY A 256 -10.66 -2.27 11.47
C GLY A 256 -9.47 -3.19 11.28
N PHE A 257 -8.27 -2.62 11.22
CA PHE A 257 -7.06 -3.41 10.97
C PHE A 257 -6.61 -4.29 12.14
N ALA A 258 -6.97 -3.91 13.37
CA ALA A 258 -6.74 -4.77 14.52
C ALA A 258 -7.47 -6.10 14.31
N ALA A 259 -8.74 -6.03 13.97
CA ALA A 259 -9.55 -7.20 13.64
C ALA A 259 -9.00 -7.97 12.44
N VAL A 260 -8.66 -7.25 11.38
CA VAL A 260 -8.18 -7.88 10.15
C VAL A 260 -6.85 -8.60 10.38
N GLU A 261 -5.89 -7.91 10.98
CA GLU A 261 -4.57 -8.48 11.27
C GLU A 261 -4.66 -9.75 12.10
N LEU A 262 -5.50 -9.73 13.14
CA LEU A 262 -5.66 -10.88 14.03
C LEU A 262 -6.22 -12.11 13.30
N ARG A 263 -7.24 -11.91 12.46
CA ARG A 263 -7.76 -12.98 11.59
C ARG A 263 -6.66 -13.62 10.74
N LEU A 264 -5.89 -12.77 10.06
CA LEU A 264 -4.80 -13.21 9.21
C LEU A 264 -3.68 -13.87 10.00
N ARG A 265 -3.41 -13.33 11.19
CA ARG A 265 -2.39 -13.88 12.06
C ARG A 265 -2.72 -15.31 12.46
N ASN A 266 -3.91 -15.50 13.01
CA ASN A 266 -4.38 -16.83 13.41
C ASN A 266 -4.43 -17.83 12.26
N TYR A 267 -4.98 -17.40 11.13
CA TYR A 267 -5.08 -18.27 9.96
C TYR A 267 -3.68 -18.69 9.50
N TYR A 268 -2.77 -17.72 9.43
CA TYR A 268 -1.41 -17.99 8.98
C TYR A 268 -0.72 -19.04 9.86
N TYR A 269 -0.79 -18.85 11.18
CA TYR A 269 -0.20 -19.82 12.12
C TYR A 269 -0.83 -21.20 11.98
N ASP A 270 -2.12 -21.23 11.69
CA ASP A 270 -2.84 -22.47 11.54
C ASP A 270 -2.64 -23.12 10.16
N VAL A 271 -2.26 -22.32 9.16
CA VAL A 271 -1.74 -22.88 7.90
C VAL A 271 -0.33 -23.45 8.13
N VAL A 272 0.46 -22.76 8.94
CA VAL A 272 1.80 -23.20 9.29
C VAL A 272 1.77 -24.56 10.02
N ASN A 273 0.76 -24.75 10.87
CA ASN A 273 0.57 -26.00 11.63
C ASN A 273 0.35 -27.22 10.74
N GLU A 274 -0.48 -27.06 9.72
CA GLU A 274 -0.74 -28.15 8.77
C GLU A 274 0.51 -28.48 7.96
C1 0K0 B . 11.49 -0.47 -6.88
C2 0K0 B . 10.69 0.17 -7.81
C3 0K0 B . 12.15 -1.65 -7.21
C4 0K0 B . 10.56 -0.36 -9.09
C5 0K0 B . 12.00 -2.18 -8.47
C6 0K0 B . 11.20 -1.55 -9.40
C7 0K0 B . 11.60 0.15 -5.58
C8 0K0 B . 12.42 -0.32 -4.57
N10 0K0 B . 12.43 0.34 -3.35
C11 0K0 B . 10.84 1.94 -4.18
C12 0K0 B . 11.64 1.47 -3.16
O14 0K0 B . 9.75 3.68 -3.04
C16 0K0 B . 8.30 4.53 -5.33
C17 0K0 B . 7.12 3.95 -6.12
C18 0K0 B . 6.36 2.89 -5.28
C19 0K0 B . 6.12 5.05 -6.52
C21 0K0 B . 5.10 4.42 -7.47
N22 0K0 B . 4.42 3.28 -6.82
O26 0K0 B . 9.21 2.43 -8.87
C27 0K0 B . 7.16 0.72 -9.22
O28 0K0 B . 8.41 2.17 -11.07
S25 0K0 B . 8.68 1.48 -9.82
N24 0K0 B . 9.72 0.24 -10.08
N9 0K0 B . 10.83 1.27 -5.38
N23 0K0 B . 11.70 2.08 -1.91
C13 0K0 B . 9.93 3.10 -4.09
N15 0K0 B . 9.27 3.44 -5.24
C20 0K0 B . 5.26 2.25 -6.15
C1 EDO C . 10.09 -10.41 8.26
O1 EDO C . 10.33 -11.71 7.70
C2 EDO C . 10.89 -10.22 9.55
O2 EDO C . 11.19 -8.84 9.78
S SO4 D . 1.23 -1.35 -12.23
O1 SO4 D . 1.61 0.05 -12.29
O2 SO4 D . 1.25 -1.94 -13.57
O3 SO4 D . 2.18 -2.06 -11.38
O4 SO4 D . -0.12 -1.45 -11.69
#